data_5KJL
#
_entry.id   5KJL
#
_cell.length_a   155.098
_cell.length_b   155.098
_cell.length_c   52.553
_cell.angle_alpha   90.00
_cell.angle_beta   90.00
_cell.angle_gamma   90.00
#
_symmetry.space_group_name_H-M   'I 4'
#
loop_
_entity.id
_entity.type
_entity.pdbx_description
1 polymer 'N-lysine methyltransferase SMYD2'
2 non-polymer S-ADENOSYLMETHIONINE
3 non-polymer 'ZINC ION'
4 water water
#
_entity_poly.entity_id   1
_entity_poly.type   'polypeptide(L)'
_entity_poly.pdbx_seq_one_letter_code
;GLGGLERFCSPGKGRGLRALQPFQVGDLLFSCPAYAYVLTVNERGNHCEYCFTRKEGLSKCGRCKQAFYCNVECQKEDWP
MHKLECSPMVVFGENWNPSETVRLTARILAKQKIHPERTPSEKLLAVKEFESHLDKLDNEKKDLIQSDIAALHHFYSKHL
EFPDNDSLVVLFAQVNCNGFTIEDEELSHLGSAIFPDVALMNHSCCPNVIVTYKGTLAEVRAVQEIKPGEEVFTSYIDLL
YPTEDRNDRLRDSYFFTCECQECTTKDKDKAKVEIRKLSDPPKAEAIRDMVRYARNVIEEFRRAKHYKSPSELLEICELS
QEKMSSVFEDSNVYMLHMMYQAMGVCLYMQDWEGALQYGQKIIKPYSKHYPLYSLNVASMWLKLGRLYMGLEHKAAGEKA
LKKAIAIMEVAHGKDHPYISEIKQEIESH
;
_entity_poly.pdbx_strand_id   A
#
loop_
_chem_comp.id
_chem_comp.type
_chem_comp.name
_chem_comp.formula
SAM non-polymer S-ADENOSYLMETHIONINE 'C15 H22 N6 O5 S'
ZN non-polymer 'ZINC ION' 'Zn 2'
#
# COMPACT_ATOMS: atom_id res chain seq x y z
N LEU A 2 -13.90 18.47 -9.36
CA LEU A 2 -14.49 17.31 -10.04
C LEU A 2 -15.91 16.98 -9.53
N GLY A 3 -16.84 16.83 -10.48
CA GLY A 3 -18.28 16.63 -10.29
C GLY A 3 -18.83 15.67 -9.25
N GLY A 4 -19.88 16.12 -8.58
CA GLY A 4 -20.63 15.36 -7.58
C GLY A 4 -20.00 15.25 -6.21
N LEU A 5 -18.89 15.97 -6.02
CA LEU A 5 -18.10 16.00 -4.79
C LEU A 5 -17.63 17.42 -4.54
N GLU A 6 -17.22 17.73 -3.28
CA GLU A 6 -16.67 19.05 -2.97
C GLU A 6 -15.67 18.99 -1.83
N ARG A 7 -14.69 19.92 -1.86
CA ARG A 7 -13.69 20.10 -0.81
C ARG A 7 -14.39 20.86 0.30
N PHE A 8 -14.17 20.48 1.56
CA PHE A 8 -14.84 21.16 2.67
C PHE A 8 -14.02 21.17 3.95
N CYS A 9 -14.47 21.89 4.97
CA CYS A 9 -13.75 21.90 6.23
C CYS A 9 -14.34 20.87 7.14
N SER A 10 -13.57 19.83 7.41
CA SER A 10 -14.01 18.73 8.24
C SER A 10 -13.65 19.03 9.68
N PRO A 11 -14.66 19.31 10.55
CA PRO A 11 -14.35 19.60 11.95
C PRO A 11 -13.46 18.53 12.60
N GLY A 12 -12.25 18.93 12.97
CA GLY A 12 -11.24 18.10 13.61
C GLY A 12 -10.48 17.15 12.71
N LYS A 13 -10.61 17.32 11.40
CA LYS A 13 -9.93 16.47 10.42
C LYS A 13 -9.36 17.34 9.30
N GLY A 14 -9.17 18.64 9.55
CA GLY A 14 -8.68 19.64 8.60
C GLY A 14 -9.58 19.75 7.39
N ARG A 15 -9.00 19.61 6.16
CA ARG A 15 -9.76 19.64 4.91
C ARG A 15 -10.23 18.20 4.54
N GLY A 16 -11.32 18.10 3.80
CA GLY A 16 -11.88 16.82 3.42
C GLY A 16 -12.69 16.88 2.14
N LEU A 17 -13.12 15.70 1.68
CA LEU A 17 -13.92 15.54 0.48
C LEU A 17 -15.30 15.06 0.87
N ARG A 18 -16.37 15.74 0.42
CA ARG A 18 -17.74 15.30 0.68
C ARG A 18 -18.52 15.14 -0.63
N ALA A 19 -19.60 14.35 -0.57
CA ALA A 19 -20.52 14.10 -1.70
C ALA A 19 -21.58 15.19 -1.83
N LEU A 20 -22.03 15.41 -3.07
CA LEU A 20 -23.05 16.40 -3.43
C LEU A 20 -24.16 15.67 -4.20
N GLN A 21 -23.98 14.35 -4.34
CA GLN A 21 -24.82 13.39 -5.04
C GLN A 21 -24.63 12.00 -4.42
N PRO A 22 -25.52 11.02 -4.67
CA PRO A 22 -25.27 9.68 -4.10
C PRO A 22 -24.34 8.79 -4.93
N PHE A 23 -23.63 7.88 -4.27
CA PHE A 23 -22.73 6.88 -4.88
C PHE A 23 -23.11 5.54 -4.33
N GLN A 24 -23.30 4.56 -5.23
CA GLN A 24 -23.65 3.18 -4.86
C GLN A 24 -22.39 2.33 -4.75
N VAL A 25 -22.47 1.20 -4.02
CA VAL A 25 -21.37 0.24 -3.89
C VAL A 25 -20.90 -0.12 -5.33
N GLY A 26 -19.62 0.17 -5.59
CA GLY A 26 -18.93 -0.09 -6.84
C GLY A 26 -18.82 1.08 -7.80
N ASP A 27 -19.47 2.22 -7.53
CA ASP A 27 -19.43 3.36 -8.44
C ASP A 27 -18.15 4.10 -8.28
N LEU A 28 -17.59 4.57 -9.41
CA LEU A 28 -16.35 5.36 -9.45
C LEU A 28 -16.71 6.77 -9.12
N LEU A 29 -16.17 7.26 -7.99
CA LEU A 29 -16.36 8.63 -7.53
C LEU A 29 -15.55 9.54 -8.45
N PHE A 30 -14.24 9.22 -8.62
CA PHE A 30 -13.30 9.95 -9.46
C PHE A 30 -12.02 9.15 -9.70
N SER A 31 -11.28 9.60 -10.71
CA SER A 31 -9.96 9.16 -11.14
C SER A 31 -9.03 10.35 -10.87
N CYS A 32 -7.75 10.08 -10.79
CA CYS A 32 -6.74 11.11 -10.57
C CYS A 32 -5.47 10.62 -11.25
N PRO A 33 -5.05 11.29 -12.35
CA PRO A 33 -3.76 10.89 -12.97
C PRO A 33 -2.60 11.33 -12.06
N ALA A 34 -1.61 10.44 -11.86
CA ALA A 34 -0.45 10.72 -11.00
C ALA A 34 0.20 12.05 -11.33
N TYR A 35 0.47 12.88 -10.29
CA TYR A 35 1.14 14.19 -10.42
C TYR A 35 2.64 13.94 -10.68
N ALA A 36 3.22 13.03 -9.88
CA ALA A 36 4.60 12.54 -9.97
C ALA A 36 4.53 11.06 -9.55
N TYR A 37 5.48 10.23 -10.02
CA TYR A 37 5.51 8.77 -9.75
C TYR A 37 6.87 8.18 -10.09
N VAL A 38 7.20 7.02 -9.49
CA VAL A 38 8.43 6.25 -9.71
C VAL A 38 8.09 4.77 -9.70
N LEU A 39 8.64 4.00 -10.66
CA LEU A 39 8.53 2.54 -10.73
C LEU A 39 9.63 2.05 -9.77
N THR A 40 9.25 1.21 -8.79
CA THR A 40 10.20 0.69 -7.81
C THR A 40 11.32 -0.06 -8.52
N VAL A 41 12.58 0.05 -8.04
CA VAL A 41 13.77 -0.54 -8.64
C VAL A 41 13.62 -2.04 -8.93
N ASN A 42 13.02 -2.83 -7.99
CA ASN A 42 12.87 -4.27 -8.21
C ASN A 42 11.91 -4.66 -9.36
N GLU A 43 11.03 -3.74 -9.80
CA GLU A 43 10.05 -4.00 -10.86
C GLU A 43 10.52 -3.58 -12.26
N ARG A 44 11.81 -3.22 -12.38
CA ARG A 44 12.40 -2.84 -13.66
C ARG A 44 12.50 -4.03 -14.62
N GLY A 45 12.01 -3.83 -15.84
CA GLY A 45 12.00 -4.89 -16.83
C GLY A 45 10.70 -5.67 -16.84
N ASN A 46 9.90 -5.54 -15.74
CA ASN A 46 8.61 -6.20 -15.58
C ASN A 46 7.47 -5.27 -16.01
N HIS A 47 7.59 -3.95 -15.70
CA HIS A 47 6.64 -2.86 -15.97
C HIS A 47 7.26 -1.75 -16.75
N CYS A 48 6.43 -1.06 -17.57
CA CYS A 48 6.90 0.09 -18.33
C CYS A 48 7.06 1.25 -17.36
N GLU A 49 8.22 1.85 -17.39
CA GLU A 49 8.64 2.96 -16.58
C GLU A 49 7.68 4.14 -16.65
N TYR A 50 7.01 4.34 -17.82
CA TYR A 50 6.10 5.46 -18.09
C TYR A 50 4.62 5.25 -17.79
N CYS A 51 4.03 4.15 -18.27
CA CYS A 51 2.60 3.90 -18.11
C CYS A 51 2.26 2.78 -17.15
N PHE A 52 3.30 2.12 -16.62
CA PHE A 52 3.24 1.01 -15.67
C PHE A 52 2.58 -0.28 -16.26
N THR A 53 2.55 -0.41 -17.61
CA THR A 53 2.01 -1.58 -18.29
C THR A 53 2.91 -2.79 -18.01
N ARG A 54 2.30 -3.90 -17.52
CA ARG A 54 3.01 -5.16 -17.23
C ARG A 54 2.93 -6.01 -18.50
N LYS A 55 4.09 -6.21 -19.16
CA LYS A 55 4.33 -6.81 -20.47
C LYS A 55 5.73 -7.52 -20.53
N GLU A 56 5.95 -8.34 -21.59
CA GLU A 56 7.21 -9.07 -21.77
C GLU A 56 8.17 -8.45 -22.81
N GLY A 57 7.64 -7.75 -23.82
CA GLY A 57 8.46 -7.18 -24.88
C GLY A 57 9.01 -5.79 -24.61
N LEU A 58 9.42 -5.55 -23.37
CA LEU A 58 9.91 -4.26 -22.89
C LEU A 58 11.28 -3.87 -23.42
N SER A 59 11.34 -2.80 -24.23
CA SER A 59 12.60 -2.29 -24.77
C SER A 59 13.39 -1.49 -23.71
N LYS A 60 14.70 -1.75 -23.61
CA LYS A 60 15.65 -1.13 -22.67
C LYS A 60 16.03 0.30 -23.07
N CYS A 61 16.50 1.11 -22.09
CA CYS A 61 17.01 2.45 -22.37
C CYS A 61 18.46 2.21 -22.73
N GLY A 62 18.81 2.39 -24.00
CA GLY A 62 20.16 2.13 -24.48
C GLY A 62 21.25 2.97 -23.83
N ARG A 63 20.84 3.95 -23.01
CA ARG A 63 21.76 4.86 -22.36
C ARG A 63 22.12 4.51 -20.91
N CYS A 64 21.31 3.67 -20.25
CA CYS A 64 21.50 3.33 -18.83
C CYS A 64 21.30 1.86 -18.59
N LYS A 65 20.58 1.20 -19.53
CA LYS A 65 20.22 -0.23 -19.53
C LYS A 65 19.47 -0.64 -18.23
N GLN A 66 18.81 0.37 -17.59
CA GLN A 66 18.05 0.23 -16.35
C GLN A 66 16.77 1.03 -16.36
N ALA A 67 16.05 1.01 -17.48
CA ALA A 67 14.74 1.64 -17.67
C ALA A 67 14.12 0.92 -18.84
N PHE A 68 12.90 0.40 -18.67
CA PHE A 68 12.22 -0.35 -19.73
C PHE A 68 10.95 0.32 -20.12
N TYR A 69 10.58 0.20 -21.40
CA TYR A 69 9.39 0.84 -21.95
C TYR A 69 8.66 -0.05 -22.96
N CYS A 70 7.38 0.25 -23.22
CA CYS A 70 6.50 -0.46 -24.16
C CYS A 70 7.01 -0.27 -25.55
N ASN A 71 7.39 0.97 -25.84
CA ASN A 71 7.86 1.42 -27.15
C ASN A 71 8.69 2.69 -26.99
N VAL A 72 9.01 3.33 -28.11
CA VAL A 72 9.82 4.52 -28.19
C VAL A 72 9.05 5.78 -27.71
N GLU A 73 7.72 5.81 -27.86
CA GLU A 73 6.90 6.94 -27.38
C GLU A 73 6.84 7.01 -25.85
N CYS A 74 6.60 5.87 -25.15
CA CYS A 74 6.59 5.80 -23.67
C CYS A 74 7.95 6.25 -23.13
N GLN A 75 9.02 5.90 -23.86
CA GLN A 75 10.40 6.23 -23.57
C GLN A 75 10.69 7.73 -23.72
N LYS A 76 10.12 8.34 -24.76
CA LYS A 76 10.24 9.76 -25.11
C LYS A 76 9.41 10.60 -24.13
N GLU A 77 8.23 10.06 -23.73
CA GLU A 77 7.29 10.70 -22.83
C GLU A 77 7.78 10.68 -21.40
N ASP A 78 8.63 9.70 -21.06
CA ASP A 78 9.23 9.56 -19.73
C ASP A 78 10.55 10.32 -19.61
N TRP A 79 11.24 10.66 -20.74
CA TRP A 79 12.54 11.34 -20.72
C TRP A 79 12.58 12.62 -19.86
N PRO A 80 11.57 13.53 -19.85
CA PRO A 80 11.67 14.69 -18.95
C PRO A 80 11.91 14.30 -17.50
N MET A 81 11.41 13.10 -17.07
CA MET A 81 11.55 12.55 -15.71
C MET A 81 12.70 11.57 -15.61
N HIS A 82 12.91 10.78 -16.67
CA HIS A 82 14.00 9.82 -16.72
C HIS A 82 15.37 10.50 -16.64
N LYS A 83 15.52 11.70 -17.27
CA LYS A 83 16.70 12.59 -17.33
C LYS A 83 17.44 12.65 -15.98
N LEU A 84 16.65 12.75 -14.88
CA LEU A 84 17.06 12.78 -13.46
C LEU A 84 17.95 11.64 -13.01
N GLU A 85 17.75 10.42 -13.56
CA GLU A 85 18.45 9.20 -13.14
C GLU A 85 19.28 8.48 -14.20
N CYS A 86 18.95 8.62 -15.49
CA CYS A 86 19.65 7.98 -16.61
C CYS A 86 21.16 7.96 -16.48
N SER A 87 21.81 9.11 -16.78
CA SER A 87 23.26 9.29 -16.70
C SER A 87 23.75 9.11 -15.26
N PRO A 88 23.14 9.71 -14.18
CA PRO A 88 23.64 9.43 -12.82
C PRO A 88 23.75 7.94 -12.44
N MET A 89 22.82 7.08 -12.88
CA MET A 89 22.87 5.65 -12.58
C MET A 89 24.16 5.00 -13.06
N VAL A 90 24.60 5.38 -14.30
CA VAL A 90 25.79 4.85 -14.95
C VAL A 90 27.07 5.61 -14.45
N VAL A 91 27.02 6.93 -14.26
CA VAL A 91 28.16 7.72 -13.76
C VAL A 91 28.47 7.40 -12.26
N PHE A 92 27.43 7.27 -11.40
CA PHE A 92 27.58 6.91 -9.97
C PHE A 92 27.85 5.39 -9.81
N GLY A 93 27.49 4.59 -10.81
CA GLY A 93 27.64 3.15 -10.80
C GLY A 93 26.91 2.47 -9.66
N GLU A 94 27.61 1.59 -8.95
CA GLU A 94 27.07 0.86 -7.79
C GLU A 94 26.76 1.80 -6.59
N ASN A 95 27.41 3.01 -6.54
CA ASN A 95 27.20 4.05 -5.51
C ASN A 95 25.79 4.71 -5.64
N TRP A 96 25.04 4.42 -6.72
CA TRP A 96 23.69 4.94 -6.91
C TRP A 96 22.66 4.15 -6.06
N ASN A 97 22.32 4.69 -4.88
CA ASN A 97 21.39 4.04 -3.97
C ASN A 97 20.30 4.97 -3.35
N PRO A 98 19.67 5.93 -4.08
CA PRO A 98 18.67 6.78 -3.42
C PRO A 98 17.41 6.02 -3.09
N SER A 99 16.81 6.30 -1.91
CA SER A 99 15.54 5.71 -1.50
C SER A 99 14.41 6.24 -2.38
N GLU A 100 13.33 5.47 -2.46
CA GLU A 100 12.16 5.78 -3.26
C GLU A 100 11.57 7.15 -2.96
N THR A 101 11.64 7.59 -1.69
CA THR A 101 11.15 8.90 -1.22
C THR A 101 11.99 10.01 -1.84
N VAL A 102 13.32 9.81 -1.93
CA VAL A 102 14.25 10.77 -2.54
C VAL A 102 13.99 10.78 -4.05
N ARG A 103 13.81 9.58 -4.66
CA ARG A 103 13.51 9.43 -6.09
C ARG A 103 12.23 10.19 -6.42
N LEU A 104 11.17 9.98 -5.62
CA LEU A 104 9.87 10.61 -5.78
C LEU A 104 9.96 12.13 -5.63
N THR A 105 10.54 12.63 -4.52
CA THR A 105 10.68 14.05 -4.21
C THR A 105 11.44 14.82 -5.35
N ALA A 106 12.46 14.17 -5.97
CA ALA A 106 13.22 14.74 -7.05
C ALA A 106 12.35 14.97 -8.29
N ARG A 107 11.31 14.11 -8.48
CA ARG A 107 10.35 14.18 -9.61
C ARG A 107 9.24 15.20 -9.37
N ILE A 108 9.00 15.54 -8.08
CA ILE A 108 8.03 16.55 -7.65
C ILE A 108 8.69 17.88 -7.98
N LEU A 109 9.94 18.05 -7.54
CA LEU A 109 10.72 19.24 -7.84
C LEU A 109 10.82 19.45 -9.33
N ALA A 110 10.98 18.35 -10.11
CA ALA A 110 11.06 18.44 -11.57
C ALA A 110 9.75 18.93 -12.18
N LYS A 111 8.63 18.34 -11.77
CA LYS A 111 7.28 18.67 -12.20
C LYS A 111 6.99 20.14 -11.91
N GLN A 112 7.32 20.64 -10.69
CA GLN A 112 7.14 22.05 -10.27
C GLN A 112 7.91 23.06 -11.15
N LYS A 113 9.01 22.63 -11.78
CA LYS A 113 9.81 23.51 -12.66
C LYS A 113 9.23 23.50 -14.07
N ILE A 114 8.88 22.30 -14.54
CA ILE A 114 8.35 22.03 -15.89
C ILE A 114 6.93 22.64 -16.02
N HIS A 115 6.02 22.29 -15.08
CA HIS A 115 4.61 22.66 -15.02
C HIS A 115 4.29 23.36 -13.66
N PRO A 116 4.69 24.64 -13.48
CA PRO A 116 4.40 25.35 -12.21
C PRO A 116 2.89 25.61 -11.92
N GLU A 117 2.06 25.60 -12.96
CA GLU A 117 0.62 25.87 -12.88
C GLU A 117 -0.12 24.64 -12.38
N ARG A 118 -1.37 24.81 -11.93
CA ARG A 118 -2.24 23.74 -11.41
C ARG A 118 -2.37 22.65 -12.47
N THR A 119 -2.11 21.38 -12.06
CA THR A 119 -2.15 20.19 -12.95
C THR A 119 -3.54 19.56 -12.94
N PRO A 120 -3.93 18.76 -13.97
CA PRO A 120 -5.25 18.09 -13.91
C PRO A 120 -5.48 17.12 -12.74
N SER A 121 -4.44 16.95 -11.88
CA SER A 121 -4.39 16.08 -10.70
C SER A 121 -4.67 16.87 -9.42
N GLU A 122 -4.80 18.19 -9.57
CA GLU A 122 -4.94 19.16 -8.49
C GLU A 122 -6.20 19.99 -8.65
N LYS A 123 -7.31 19.35 -9.03
CA LYS A 123 -8.61 19.99 -9.19
C LYS A 123 -9.18 20.47 -7.85
N LEU A 124 -8.84 19.77 -6.72
CA LEU A 124 -9.34 20.09 -5.37
C LEU A 124 -8.24 20.37 -4.34
N LEU A 125 -7.10 19.65 -4.42
CA LEU A 125 -5.96 19.89 -3.52
C LEU A 125 -4.70 20.09 -4.36
N ALA A 126 -3.92 21.12 -4.02
CA ALA A 126 -2.64 21.39 -4.67
C ALA A 126 -1.51 20.80 -3.82
N VAL A 127 -0.39 20.46 -4.47
CA VAL A 127 0.81 19.87 -3.83
C VAL A 127 1.37 20.85 -2.78
N LYS A 128 1.42 22.15 -3.13
CA LYS A 128 1.92 23.22 -2.26
C LYS A 128 1.11 23.37 -0.96
N GLU A 129 -0.20 23.05 -1.02
CA GLU A 129 -1.12 23.12 0.12
C GLU A 129 -1.08 21.84 0.98
N PHE A 130 -0.17 20.89 0.72
CA PHE A 130 -0.17 19.63 1.47
C PHE A 130 0.14 19.84 2.93
N GLU A 131 -0.51 19.06 3.82
CA GLU A 131 -0.24 19.10 5.27
C GLU A 131 1.13 18.45 5.52
N SER A 132 1.96 19.10 6.34
CA SER A 132 3.30 18.60 6.60
C SER A 132 3.48 17.99 7.98
N HIS A 133 2.84 18.56 9.03
CA HIS A 133 3.03 18.16 10.44
C HIS A 133 4.48 18.42 10.86
N LEU A 134 5.09 19.46 10.25
CA LEU A 134 6.46 19.85 10.49
C LEU A 134 6.73 20.02 12.00
N ASP A 135 5.87 20.81 12.68
CA ASP A 135 5.95 21.20 14.09
C ASP A 135 5.87 20.02 15.11
N LYS A 136 5.35 18.81 14.72
CA LYS A 136 5.27 17.67 15.66
C LYS A 136 6.37 16.59 15.48
N LEU A 137 7.38 16.87 14.64
CA LEU A 137 8.46 15.93 14.38
C LEU A 137 9.45 15.89 15.55
N ASP A 138 9.80 14.66 16.02
CA ASP A 138 10.84 14.49 17.04
C ASP A 138 12.21 14.68 16.36
N ASN A 139 13.29 14.79 17.13
CA ASN A 139 14.62 14.95 16.55
C ASN A 139 15.01 13.77 15.66
N GLU A 140 14.62 12.54 16.05
CA GLU A 140 14.89 11.29 15.33
C GLU A 140 14.33 11.33 13.91
N LYS A 141 13.12 11.92 13.75
CA LYS A 141 12.35 12.10 12.53
C LYS A 141 12.92 13.22 11.69
N LYS A 142 13.17 14.38 12.32
CA LYS A 142 13.81 15.52 11.67
C LYS A 142 15.17 15.10 11.11
N ASP A 143 15.92 14.22 11.83
CA ASP A 143 17.22 13.69 11.37
C ASP A 143 17.05 12.72 10.19
N LEU A 144 15.90 12.00 10.11
CA LEU A 144 15.64 11.06 9.03
C LEU A 144 15.33 11.77 7.74
N ILE A 145 14.73 12.96 7.83
CA ILE A 145 14.43 13.84 6.69
C ILE A 145 15.76 14.45 6.21
N GLN A 146 16.65 14.85 7.14
CA GLN A 146 17.96 15.43 6.79
C GLN A 146 18.82 14.49 5.97
N SER A 147 18.71 13.16 6.21
CA SER A 147 19.38 12.08 5.50
C SER A 147 18.93 12.09 4.06
N ASP A 148 17.62 12.17 3.87
CA ASP A 148 16.90 12.25 2.61
C ASP A 148 17.29 13.52 1.85
N ILE A 149 17.44 14.66 2.55
CA ILE A 149 17.83 15.93 1.89
C ILE A 149 19.26 15.81 1.39
N ALA A 150 20.18 15.30 2.24
CA ALA A 150 21.59 15.03 1.92
C ALA A 150 21.67 14.12 0.66
N ALA A 151 20.77 13.11 0.62
CA ALA A 151 20.66 12.16 -0.47
C ALA A 151 20.14 12.85 -1.75
N LEU A 152 19.19 13.79 -1.59
CA LEU A 152 18.63 14.52 -2.72
C LEU A 152 19.75 15.28 -3.38
N HIS A 153 20.43 16.16 -2.63
CA HIS A 153 21.55 16.96 -3.13
C HIS A 153 22.66 16.13 -3.80
N HIS A 154 23.04 14.99 -3.20
CA HIS A 154 24.07 14.05 -3.63
C HIS A 154 23.79 13.42 -5.03
N PHE A 155 22.55 13.03 -5.33
CA PHE A 155 22.24 12.32 -6.57
C PHE A 155 21.48 13.10 -7.69
N TYR A 156 20.74 14.18 -7.33
CA TYR A 156 19.88 14.95 -8.23
C TYR A 156 20.25 16.44 -8.40
N SER A 157 21.53 16.78 -8.28
CA SER A 157 21.89 18.20 -8.39
C SER A 157 22.17 18.69 -9.82
N LYS A 158 22.18 17.78 -10.82
CA LYS A 158 22.50 18.17 -12.20
C LYS A 158 21.47 19.11 -12.86
N HIS A 159 20.15 18.84 -12.69
CA HIS A 159 19.07 19.54 -13.38
C HIS A 159 18.14 20.32 -12.49
N LEU A 160 18.27 20.15 -11.17
CA LEU A 160 17.42 20.75 -10.16
C LEU A 160 18.06 21.90 -9.42
N GLU A 161 17.33 23.00 -9.26
CA GLU A 161 17.71 24.16 -8.43
C GLU A 161 16.89 23.93 -7.13
N PHE A 162 17.57 23.79 -5.97
CA PHE A 162 16.88 23.45 -4.70
C PHE A 162 16.33 24.65 -3.88
N PRO A 163 15.13 24.46 -3.26
CA PRO A 163 14.48 25.57 -2.56
C PRO A 163 15.09 26.08 -1.26
N ASP A 164 14.61 27.32 -0.95
CA ASP A 164 14.83 28.31 0.12
C ASP A 164 15.06 27.73 1.53
N ASN A 165 16.33 27.37 1.76
CA ASN A 165 16.85 26.76 2.98
C ASN A 165 16.23 25.34 3.02
N ASP A 166 15.95 24.84 4.22
CA ASP A 166 15.34 23.55 4.36
C ASP A 166 13.82 23.70 4.51
N SER A 167 13.21 24.08 3.36
CA SER A 167 11.78 24.14 3.04
C SER A 167 11.61 22.84 2.22
N LEU A 168 12.73 22.08 2.15
CA LEU A 168 12.86 20.74 1.62
C LEU A 168 12.38 19.84 2.77
N VAL A 169 12.58 20.26 4.06
CA VAL A 169 12.07 19.55 5.24
C VAL A 169 10.53 19.52 5.16
N VAL A 170 9.92 20.69 4.82
CA VAL A 170 8.49 20.87 4.64
C VAL A 170 8.01 19.91 3.54
N LEU A 171 8.66 19.93 2.36
CA LEU A 171 8.33 19.05 1.25
C LEU A 171 8.51 17.56 1.57
N PHE A 172 9.55 17.18 2.31
CA PHE A 172 9.79 15.77 2.66
C PHE A 172 8.73 15.27 3.67
N ALA A 173 8.27 16.15 4.58
CA ALA A 173 7.19 15.89 5.55
C ALA A 173 5.83 15.81 4.83
N GLN A 174 5.67 16.57 3.72
CA GLN A 174 4.46 16.57 2.89
C GLN A 174 4.36 15.26 2.12
N VAL A 175 5.48 14.75 1.50
CA VAL A 175 5.41 13.51 0.75
C VAL A 175 5.18 12.35 1.72
N ASN A 176 5.64 12.46 2.99
CA ASN A 176 5.43 11.40 3.99
C ASN A 176 3.96 11.26 4.41
N CYS A 177 3.28 12.41 4.42
CA CYS A 177 1.91 12.59 4.82
C CYS A 177 0.91 12.29 3.71
N ASN A 178 1.25 12.64 2.45
CA ASN A 178 0.33 12.54 1.32
C ASN A 178 0.75 11.57 0.20
N GLY A 179 1.96 11.02 0.33
CA GLY A 179 2.53 10.08 -0.63
C GLY A 179 1.80 8.76 -0.64
N PHE A 180 1.69 8.18 -1.83
CA PHE A 180 1.00 6.94 -2.13
C PHE A 180 1.96 5.90 -2.64
N THR A 181 1.71 4.65 -2.30
CA THR A 181 2.44 3.52 -2.81
C THR A 181 1.47 2.76 -3.72
N ILE A 182 1.91 2.40 -4.93
CA ILE A 182 1.14 1.63 -5.90
C ILE A 182 1.51 0.12 -5.69
N GLU A 183 0.49 -0.74 -5.49
CA GLU A 183 0.56 -2.20 -5.33
C GLU A 183 -0.24 -2.91 -6.46
N ASP A 184 0.17 -4.13 -6.80
CA ASP A 184 -0.54 -4.86 -7.87
C ASP A 184 -1.73 -5.69 -7.32
N GLU A 185 -2.31 -6.57 -8.17
CA GLU A 185 -3.45 -7.45 -7.88
C GLU A 185 -3.21 -8.37 -6.64
N GLU A 186 -1.93 -8.68 -6.34
CA GLU A 186 -1.45 -9.51 -5.23
C GLU A 186 -0.83 -8.64 -4.12
N LEU A 187 -1.03 -7.30 -4.24
CA LEU A 187 -0.62 -6.28 -3.28
C LEU A 187 0.89 -6.17 -3.12
N SER A 188 1.60 -6.56 -4.19
CA SER A 188 3.03 -6.48 -4.29
C SER A 188 3.35 -5.05 -4.77
N HIS A 189 4.36 -4.43 -4.13
CA HIS A 189 4.85 -3.07 -4.35
C HIS A 189 5.38 -2.81 -5.76
N LEU A 190 4.78 -1.85 -6.47
CA LEU A 190 5.17 -1.47 -7.84
C LEU A 190 5.90 -0.12 -7.89
N GLY A 191 5.59 0.77 -6.96
CA GLY A 191 6.20 2.09 -6.91
C GLY A 191 5.52 3.06 -5.97
N SER A 192 5.94 4.31 -6.07
CA SER A 192 5.39 5.41 -5.26
C SER A 192 4.94 6.53 -6.16
N ALA A 193 3.89 7.24 -5.76
CA ALA A 193 3.33 8.33 -6.54
C ALA A 193 2.67 9.33 -5.66
N ILE A 194 2.36 10.49 -6.25
CA ILE A 194 1.64 11.48 -5.49
C ILE A 194 0.38 11.81 -6.30
N PHE A 195 -0.79 11.63 -5.63
CA PHE A 195 -2.14 11.86 -6.15
C PHE A 195 -2.76 12.99 -5.30
N PRO A 196 -2.71 14.29 -5.73
CA PRO A 196 -3.15 15.38 -4.83
C PRO A 196 -4.62 15.34 -4.43
N ASP A 197 -5.55 15.15 -5.36
CA ASP A 197 -6.97 15.11 -5.06
C ASP A 197 -7.35 13.90 -4.22
N VAL A 198 -6.67 12.76 -4.43
CA VAL A 198 -6.89 11.53 -3.67
C VAL A 198 -6.42 11.79 -2.22
N ALA A 199 -5.33 12.59 -2.08
CA ALA A 199 -4.77 12.95 -0.77
C ALA A 199 -5.68 13.88 0.10
N LEU A 200 -6.79 14.39 -0.45
CA LEU A 200 -7.74 15.26 0.27
C LEU A 200 -8.62 14.47 1.21
N MET A 201 -8.81 13.17 0.91
CA MET A 201 -9.67 12.24 1.66
C MET A 201 -9.09 11.91 3.00
N ASN A 202 -9.92 12.04 4.03
CA ASN A 202 -9.56 11.72 5.41
C ASN A 202 -9.69 10.20 5.67
N HIS A 203 -9.22 9.73 6.85
CA HIS A 203 -9.20 8.30 7.16
C HIS A 203 -10.39 7.85 8.01
N SER A 204 -10.79 6.58 7.82
CA SER A 204 -11.75 5.88 8.65
C SER A 204 -11.37 4.42 8.65
N CYS A 205 -11.42 3.75 9.82
CA CYS A 205 -11.13 2.31 9.93
C CYS A 205 -12.29 1.49 9.38
N CYS A 206 -13.36 2.19 9.00
CA CYS A 206 -14.51 1.63 8.33
C CYS A 206 -14.85 2.56 7.13
N PRO A 207 -13.99 2.54 6.08
CA PRO A 207 -14.19 3.47 4.96
C PRO A 207 -15.37 3.20 4.04
N ASN A 208 -15.74 4.22 3.30
CA ASN A 208 -16.79 4.11 2.32
C ASN A 208 -16.17 4.07 0.91
N VAL A 209 -14.84 4.33 0.77
CA VAL A 209 -14.11 4.22 -0.51
C VAL A 209 -12.87 3.28 -0.46
N ILE A 210 -12.34 2.87 -1.65
CA ILE A 210 -11.11 2.11 -1.88
C ILE A 210 -10.34 2.69 -3.09
N VAL A 211 -9.05 3.02 -2.88
CA VAL A 211 -8.15 3.48 -3.93
C VAL A 211 -7.55 2.25 -4.64
N THR A 212 -7.66 2.22 -5.98
CA THR A 212 -7.02 1.24 -6.84
C THR A 212 -6.24 1.99 -7.92
N TYR A 213 -5.36 1.29 -8.65
CA TYR A 213 -4.52 1.90 -9.66
C TYR A 213 -4.66 1.15 -10.96
N LYS A 214 -4.92 1.90 -12.05
CA LYS A 214 -5.00 1.40 -13.42
C LYS A 214 -3.80 2.07 -14.13
N GLY A 215 -2.63 1.48 -13.92
CA GLY A 215 -1.35 2.00 -14.35
C GLY A 215 -0.87 3.02 -13.33
N THR A 216 -0.74 4.28 -13.77
CA THR A 216 -0.35 5.37 -12.88
C THR A 216 -1.58 6.19 -12.49
N LEU A 217 -2.80 5.77 -12.91
CA LEU A 217 -4.08 6.43 -12.61
C LEU A 217 -4.75 5.89 -11.33
N ALA A 218 -4.92 6.73 -10.28
CA ALA A 218 -5.61 6.29 -9.06
C ALA A 218 -7.10 6.37 -9.29
N GLU A 219 -7.85 5.31 -8.90
CA GLU A 219 -9.30 5.26 -9.03
C GLU A 219 -9.96 5.09 -7.68
N VAL A 220 -11.00 5.90 -7.43
CA VAL A 220 -11.73 5.86 -6.15
C VAL A 220 -13.15 5.27 -6.35
N ARG A 221 -13.43 4.12 -5.73
CA ARG A 221 -14.73 3.46 -5.84
C ARG A 221 -15.38 3.22 -4.50
N ALA A 222 -16.72 3.40 -4.44
CA ALA A 222 -17.52 3.24 -3.24
C ALA A 222 -17.62 1.78 -2.82
N VAL A 223 -17.31 1.49 -1.55
CA VAL A 223 -17.38 0.15 -0.96
C VAL A 223 -18.54 0.06 0.04
N GLN A 224 -19.18 1.22 0.27
CA GLN A 224 -20.37 1.44 1.08
C GLN A 224 -21.22 2.44 0.29
N GLU A 225 -22.46 2.64 0.70
CA GLU A 225 -23.33 3.62 0.08
C GLU A 225 -22.94 5.00 0.62
N ILE A 226 -22.72 5.97 -0.28
CA ILE A 226 -22.40 7.35 0.11
C ILE A 226 -23.61 8.20 -0.34
N LYS A 227 -24.17 9.00 0.59
CA LYS A 227 -25.31 9.89 0.36
C LYS A 227 -24.85 11.37 0.33
N PRO A 228 -25.60 12.32 -0.30
CA PRO A 228 -25.14 13.72 -0.33
C PRO A 228 -24.92 14.29 1.07
N GLY A 229 -23.77 14.96 1.25
CA GLY A 229 -23.37 15.57 2.51
C GLY A 229 -22.49 14.72 3.42
N GLU A 230 -22.29 13.43 3.07
CA GLU A 230 -21.42 12.54 3.83
C GLU A 230 -19.98 12.74 3.35
N GLU A 231 -19.02 12.67 4.26
CA GLU A 231 -17.61 12.81 3.89
C GLU A 231 -17.14 11.48 3.31
N VAL A 232 -16.30 11.51 2.26
CA VAL A 232 -15.74 10.30 1.65
C VAL A 232 -14.41 10.04 2.35
N PHE A 233 -14.32 8.87 2.96
CA PHE A 233 -13.23 8.40 3.79
C PHE A 233 -12.67 7.16 3.21
N THR A 234 -11.33 7.10 3.16
CA THR A 234 -10.50 5.94 2.76
C THR A 234 -9.81 5.42 4.01
N SER A 235 -9.13 4.26 3.92
CA SER A 235 -8.28 3.75 5.00
C SER A 235 -6.84 3.98 4.55
N TYR A 236 -6.04 4.47 5.48
CA TYR A 236 -4.62 4.79 5.28
C TYR A 236 -3.75 3.59 5.67
N ILE A 237 -4.30 2.69 6.48
CA ILE A 237 -3.60 1.58 7.14
C ILE A 237 -4.30 0.23 6.96
N ASP A 238 -3.63 -0.87 7.42
CA ASP A 238 -4.12 -2.26 7.37
C ASP A 238 -5.14 -2.37 8.47
N LEU A 239 -6.35 -2.83 8.10
CA LEU A 239 -7.50 -2.89 9.00
C LEU A 239 -7.67 -4.20 9.77
N LEU A 240 -6.63 -5.01 9.83
CA LEU A 240 -6.68 -6.30 10.49
C LEU A 240 -6.50 -6.18 11.98
N TYR A 241 -5.66 -5.23 12.42
CA TYR A 241 -5.23 -5.10 13.80
C TYR A 241 -6.22 -4.38 14.73
N PRO A 242 -6.11 -4.60 16.07
CA PRO A 242 -6.98 -3.91 17.04
C PRO A 242 -6.82 -2.38 17.08
N THR A 243 -7.78 -1.69 17.74
CA THR A 243 -7.84 -0.22 17.84
C THR A 243 -6.47 0.37 18.24
N GLU A 244 -5.84 -0.16 19.31
CA GLU A 244 -4.55 0.34 19.81
C GLU A 244 -3.47 0.30 18.75
N ASP A 245 -3.31 -0.84 18.09
CA ASP A 245 -2.31 -1.07 17.04
C ASP A 245 -2.56 -0.10 15.88
N ARG A 246 -3.84 -0.03 15.42
CA ARG A 246 -4.25 0.85 14.33
C ARG A 246 -3.87 2.28 14.65
N ASN A 247 -4.18 2.75 15.88
CA ASN A 247 -3.90 4.12 16.25
C ASN A 247 -2.43 4.37 16.52
N ASP A 248 -1.68 3.32 16.93
CA ASP A 248 -0.24 3.43 17.14
C ASP A 248 0.45 3.72 15.80
N ARG A 249 -0.03 3.10 14.71
CA ARG A 249 0.48 3.31 13.36
C ARG A 249 0.07 4.70 12.84
N LEU A 250 -1.23 5.06 12.98
CA LEU A 250 -1.78 6.36 12.53
C LEU A 250 -1.09 7.54 13.21
N ARG A 251 -0.84 7.46 14.52
CA ARG A 251 -0.16 8.53 15.26
C ARG A 251 1.28 8.72 14.82
N ASP A 252 1.95 7.61 14.51
CA ASP A 252 3.35 7.58 14.10
C ASP A 252 3.60 8.15 12.70
N SER A 253 2.83 7.68 11.72
CA SER A 253 2.91 8.01 10.30
C SER A 253 2.12 9.24 9.88
N TYR A 254 1.00 9.53 10.58
CA TYR A 254 0.08 10.58 10.16
C TYR A 254 -0.31 11.55 11.27
N PHE A 255 0.33 11.43 12.45
CA PHE A 255 0.20 12.35 13.59
C PHE A 255 -1.25 12.71 14.00
N PHE A 256 -2.13 11.71 14.02
CA PHE A 256 -3.53 11.89 14.43
C PHE A 256 -4.02 10.64 15.08
N THR A 257 -5.13 10.75 15.84
CA THR A 257 -5.83 9.63 16.44
C THR A 257 -7.23 9.53 15.79
N CYS A 258 -7.57 8.31 15.34
CA CYS A 258 -8.86 8.07 14.71
C CYS A 258 -9.94 7.94 15.75
N GLU A 259 -11.12 8.51 15.46
CA GLU A 259 -12.26 8.43 16.35
C GLU A 259 -13.48 7.90 15.62
N CYS A 260 -13.27 7.13 14.56
CA CYS A 260 -14.34 6.54 13.78
C CYS A 260 -15.15 5.51 14.63
N GLN A 261 -16.26 4.99 14.04
CA GLN A 261 -17.16 4.03 14.66
C GLN A 261 -16.36 2.87 15.27
N GLU A 262 -15.42 2.27 14.52
CA GLU A 262 -14.59 1.16 15.00
C GLU A 262 -13.67 1.53 16.18
N CYS A 263 -12.93 2.67 16.08
CA CYS A 263 -12.00 3.10 17.14
C CYS A 263 -12.76 3.56 18.43
N THR A 264 -14.02 3.99 18.26
CA THR A 264 -14.90 4.45 19.34
C THR A 264 -15.43 3.23 20.08
N THR A 265 -16.17 2.43 19.33
CA THR A 265 -16.90 1.24 19.70
C THR A 265 -15.97 0.09 20.19
N LYS A 266 -14.79 -0.14 19.54
CA LYS A 266 -13.82 -1.22 19.78
C LYS A 266 -14.50 -2.61 19.72
N ASP A 267 -15.63 -2.70 18.98
CA ASP A 267 -16.50 -3.89 18.87
C ASP A 267 -15.81 -5.12 18.38
N LYS A 268 -15.02 -4.97 17.28
CA LYS A 268 -14.25 -6.01 16.60
C LYS A 268 -12.94 -6.37 17.34
N ASP A 269 -12.57 -5.63 18.42
CA ASP A 269 -11.33 -5.87 19.16
C ASP A 269 -11.28 -7.22 19.86
N LYS A 270 -12.39 -7.63 20.51
CA LYS A 270 -12.49 -8.89 21.24
C LYS A 270 -12.20 -10.10 20.36
N ALA A 271 -12.77 -10.13 19.14
CA ALA A 271 -12.60 -11.19 18.13
C ALA A 271 -11.21 -11.22 17.49
N LYS A 272 -10.59 -10.01 17.29
CA LYS A 272 -9.26 -9.77 16.69
C LYS A 272 -8.14 -10.38 17.54
N VAL A 273 -8.13 -10.10 18.84
CA VAL A 273 -7.15 -10.67 19.78
C VAL A 273 -7.84 -11.83 20.56
N GLU A 274 -8.40 -12.80 19.79
CA GLU A 274 -9.11 -13.96 20.32
C GLU A 274 -8.23 -14.84 21.21
N ILE A 275 -8.82 -15.31 22.32
CA ILE A 275 -8.18 -16.16 23.32
C ILE A 275 -8.82 -17.54 23.30
N ARG A 276 -8.02 -18.59 23.62
CA ARG A 276 -8.45 -19.98 23.69
C ARG A 276 -9.39 -20.20 24.88
N LYS A 277 -10.48 -20.96 24.67
CA LYS A 277 -11.54 -21.27 25.64
C LYS A 277 -11.10 -22.17 26.82
N LEU A 278 -10.04 -22.99 26.62
CA LEU A 278 -9.38 -24.01 27.47
C LEU A 278 -9.72 -24.00 28.99
N SER A 279 -9.75 -25.24 29.60
CA SER A 279 -9.99 -25.50 31.03
C SER A 279 -9.07 -24.58 31.84
N ASP A 280 -9.67 -23.82 32.80
CA ASP A 280 -9.00 -22.79 33.60
C ASP A 280 -8.55 -21.68 32.61
N PRO A 281 -9.47 -20.76 32.23
CA PRO A 281 -9.14 -19.72 31.23
C PRO A 281 -7.90 -18.89 31.53
N PRO A 282 -7.20 -18.34 30.50
CA PRO A 282 -5.98 -17.56 30.76
C PRO A 282 -6.24 -16.23 31.47
N LYS A 283 -5.39 -15.90 32.47
CA LYS A 283 -5.43 -14.70 33.32
C LYS A 283 -5.27 -13.41 32.51
N ALA A 284 -5.94 -12.33 32.94
CA ALA A 284 -5.90 -10.99 32.32
C ALA A 284 -4.50 -10.49 32.00
N GLU A 285 -3.52 -10.74 32.90
CA GLU A 285 -2.13 -10.33 32.69
C GLU A 285 -1.43 -11.23 31.66
N ALA A 286 -1.75 -12.55 31.67
CA ALA A 286 -1.19 -13.53 30.73
C ALA A 286 -1.56 -13.19 29.27
N ILE A 287 -2.73 -12.55 29.08
CA ILE A 287 -3.23 -12.06 27.79
C ILE A 287 -2.33 -10.86 27.37
N ARG A 288 -2.16 -9.86 28.27
CA ARG A 288 -1.35 -8.65 28.03
C ARG A 288 0.12 -8.97 27.78
N ASP A 289 0.63 -10.06 28.38
CA ASP A 289 2.02 -10.50 28.20
C ASP A 289 2.24 -11.04 26.80
N MET A 290 1.25 -11.80 26.26
CA MET A 290 1.32 -12.36 24.92
C MET A 290 1.20 -11.28 23.84
N VAL A 291 0.34 -10.24 24.05
CA VAL A 291 0.17 -9.10 23.15
C VAL A 291 1.51 -8.38 22.97
N ARG A 292 2.23 -8.14 24.09
CA ARG A 292 3.57 -7.54 24.11
C ARG A 292 4.59 -8.41 23.33
N TYR A 293 4.52 -9.77 23.49
CA TYR A 293 5.39 -10.74 22.82
C TYR A 293 5.12 -10.72 21.33
N ALA A 294 3.83 -10.84 20.96
CA ALA A 294 3.34 -10.84 19.60
C ALA A 294 3.79 -9.60 18.87
N ARG A 295 3.64 -8.43 19.51
CA ARG A 295 4.01 -7.14 18.93
C ARG A 295 5.53 -6.97 18.78
N ASN A 296 6.33 -7.67 19.63
CA ASN A 296 7.80 -7.64 19.56
C ASN A 296 8.36 -8.63 18.53
N VAL A 297 7.71 -9.81 18.38
CA VAL A 297 8.11 -10.82 17.41
C VAL A 297 7.80 -10.32 15.98
N ILE A 298 6.79 -9.45 15.82
CA ILE A 298 6.38 -8.82 14.56
C ILE A 298 7.52 -7.89 14.06
N GLU A 299 8.04 -7.04 14.95
CA GLU A 299 9.14 -6.11 14.66
C GLU A 299 10.46 -6.89 14.47
N GLU A 300 10.73 -7.89 15.33
CA GLU A 300 11.92 -8.73 15.24
C GLU A 300 11.97 -9.34 13.85
N PHE A 301 10.81 -9.86 13.34
CA PHE A 301 10.65 -10.44 12.01
C PHE A 301 10.91 -9.40 10.91
N ARG A 302 10.44 -8.16 11.11
CA ARG A 302 10.63 -7.04 10.19
C ARG A 302 12.12 -6.80 9.96
N ARG A 303 12.94 -6.91 11.04
CA ARG A 303 14.39 -6.75 10.97
C ARG A 303 15.03 -8.00 10.34
N ALA A 304 14.72 -9.19 10.92
CA ALA A 304 15.22 -10.51 10.52
C ALA A 304 15.16 -10.82 9.03
N LYS A 305 14.17 -10.28 8.29
CA LYS A 305 14.05 -10.57 6.86
C LYS A 305 15.23 -10.02 6.04
N HIS A 306 15.73 -8.84 6.43
CA HIS A 306 16.86 -8.19 5.75
C HIS A 306 18.18 -8.91 6.00
N TYR A 307 18.27 -9.82 7.01
CA TYR A 307 19.53 -10.48 7.35
C TYR A 307 19.44 -11.99 7.82
N LYS A 308 18.34 -12.70 7.50
CA LYS A 308 18.24 -14.13 7.86
C LYS A 308 17.83 -15.03 6.68
N SER A 309 18.27 -16.31 6.69
CA SER A 309 17.96 -17.28 5.65
C SER A 309 16.44 -17.59 5.55
N PRO A 310 15.90 -18.09 4.40
CA PRO A 310 14.44 -18.33 4.34
C PRO A 310 13.98 -19.41 5.32
N SER A 311 14.83 -20.44 5.53
CA SER A 311 14.56 -21.54 6.46
C SER A 311 14.64 -21.08 7.93
N GLU A 312 15.36 -19.95 8.19
CA GLU A 312 15.49 -19.34 9.50
C GLU A 312 14.24 -18.51 9.75
N LEU A 313 13.78 -17.74 8.73
CA LEU A 313 12.58 -16.91 8.78
C LEU A 313 11.34 -17.73 9.10
N LEU A 314 11.19 -18.95 8.51
CA LEU A 314 10.06 -19.87 8.76
C LEU A 314 10.11 -20.42 10.17
N GLU A 315 11.32 -20.56 10.72
CA GLU A 315 11.57 -21.06 12.06
C GLU A 315 11.05 -20.01 13.05
N ILE A 316 11.26 -18.70 12.75
CA ILE A 316 10.78 -17.57 13.57
C ILE A 316 9.26 -17.66 13.63
N CYS A 317 8.62 -17.93 12.48
CA CYS A 317 7.17 -18.07 12.28
C CYS A 317 6.58 -19.22 13.08
N GLU A 318 7.14 -20.44 12.94
CA GLU A 318 6.65 -21.65 13.61
C GLU A 318 6.86 -21.61 15.12
N LEU A 319 8.04 -21.15 15.59
CA LEU A 319 8.39 -21.00 17.02
C LEU A 319 7.47 -20.03 17.74
N SER A 320 7.21 -18.84 17.11
CA SER A 320 6.37 -17.78 17.66
C SER A 320 4.91 -18.21 17.70
N GLN A 321 4.48 -18.96 16.68
CA GLN A 321 3.13 -19.49 16.59
C GLN A 321 2.87 -20.49 17.71
N GLU A 322 3.91 -21.28 18.06
CA GLU A 322 3.84 -22.29 19.12
C GLU A 322 3.69 -21.65 20.49
N LYS A 323 4.49 -20.61 20.77
CA LYS A 323 4.43 -19.87 22.02
C LYS A 323 3.05 -19.23 22.13
N MET A 324 2.61 -18.51 21.07
CA MET A 324 1.30 -17.84 21.03
C MET A 324 0.12 -18.77 21.14
N SER A 325 0.13 -19.93 20.43
CA SER A 325 -0.96 -20.93 20.41
C SER A 325 -1.45 -21.38 21.80
N SER A 326 -0.59 -21.33 22.84
CA SER A 326 -0.95 -21.72 24.21
C SER A 326 -2.07 -20.84 24.78
N VAL A 327 -2.02 -19.53 24.50
CA VAL A 327 -2.99 -18.52 24.95
C VAL A 327 -3.96 -18.17 23.80
N PHE A 328 -3.40 -17.85 22.61
CA PHE A 328 -4.10 -17.43 21.41
C PHE A 328 -4.70 -18.57 20.57
N GLU A 329 -5.90 -18.33 20.05
CA GLU A 329 -6.67 -19.20 19.14
C GLU A 329 -6.08 -18.97 17.75
N ASP A 330 -6.32 -19.89 16.80
CA ASP A 330 -5.75 -19.77 15.45
C ASP A 330 -6.34 -18.62 14.60
N SER A 331 -7.46 -18.02 15.06
CA SER A 331 -8.14 -16.90 14.36
C SER A 331 -7.60 -15.53 14.78
N ASN A 332 -6.79 -15.49 15.88
CA ASN A 332 -6.13 -14.32 16.43
C ASN A 332 -5.30 -13.63 15.35
N VAL A 333 -5.43 -12.30 15.25
CA VAL A 333 -4.75 -11.52 14.23
C VAL A 333 -3.20 -11.64 14.35
N TYR A 334 -2.67 -11.79 15.59
CA TYR A 334 -1.23 -11.93 15.81
C TYR A 334 -0.65 -13.27 15.31
N MET A 335 -1.52 -14.32 15.27
CA MET A 335 -1.21 -15.68 14.77
C MET A 335 -1.25 -15.65 13.24
N LEU A 336 -2.32 -15.03 12.70
CA LEU A 336 -2.62 -14.82 11.29
C LEU A 336 -1.54 -14.00 10.58
N HIS A 337 -0.81 -13.12 11.31
CA HIS A 337 0.30 -12.31 10.76
C HIS A 337 1.51 -13.20 10.46
N MET A 338 1.85 -14.08 11.41
CA MET A 338 2.97 -14.99 11.32
C MET A 338 2.71 -16.01 10.22
N MET A 339 1.47 -16.48 10.10
CA MET A 339 1.02 -17.40 9.06
C MET A 339 1.13 -16.69 7.71
N TYR A 340 0.74 -15.39 7.65
CA TYR A 340 0.88 -14.55 6.44
C TYR A 340 2.36 -14.40 6.08
N GLN A 341 3.22 -14.18 7.09
CA GLN A 341 4.66 -14.05 6.90
C GLN A 341 5.25 -15.34 6.35
N ALA A 342 4.91 -16.49 6.98
CA ALA A 342 5.37 -17.82 6.56
C ALA A 342 4.94 -18.14 5.13
N MET A 343 3.69 -17.80 4.75
CA MET A 343 3.18 -18.01 3.40
C MET A 343 4.05 -17.25 2.38
N GLY A 344 4.44 -16.03 2.76
CA GLY A 344 5.25 -15.15 1.93
C GLY A 344 6.60 -15.72 1.63
N VAL A 345 7.22 -16.38 2.63
CA VAL A 345 8.53 -17.04 2.55
C VAL A 345 8.44 -18.25 1.61
N CYS A 346 7.39 -19.09 1.78
CA CYS A 346 7.20 -20.28 0.95
C CYS A 346 7.03 -19.87 -0.49
N LEU A 347 6.32 -18.76 -0.74
CA LEU A 347 6.13 -18.16 -2.07
C LEU A 347 7.48 -17.72 -2.64
N TYR A 348 8.37 -17.10 -1.80
CA TYR A 348 9.69 -16.67 -2.23
C TYR A 348 10.56 -17.86 -2.62
N MET A 349 10.56 -18.91 -1.77
CA MET A 349 11.27 -20.19 -1.95
C MET A 349 10.64 -21.05 -3.06
N GLN A 350 9.57 -20.56 -3.74
CA GLN A 350 8.82 -21.27 -4.79
C GLN A 350 8.23 -22.65 -4.29
N ASP A 351 8.02 -22.76 -2.95
CA ASP A 351 7.40 -23.86 -2.20
C ASP A 351 5.86 -23.64 -2.31
N TRP A 352 5.26 -24.11 -3.41
CA TRP A 352 3.84 -23.94 -3.69
C TRP A 352 2.89 -24.73 -2.76
N GLU A 353 3.36 -25.80 -2.14
CA GLU A 353 2.52 -26.57 -1.21
C GLU A 353 2.44 -25.82 0.10
N GLY A 354 3.60 -25.43 0.63
CA GLY A 354 3.72 -24.66 1.87
C GLY A 354 2.87 -23.41 1.82
N ALA A 355 3.02 -22.64 0.73
CA ALA A 355 2.25 -21.43 0.47
C ALA A 355 0.75 -21.70 0.49
N LEU A 356 0.29 -22.80 -0.17
CA LEU A 356 -1.12 -23.23 -0.19
C LEU A 356 -1.64 -23.66 1.19
N GLN A 357 -0.82 -24.39 1.98
CA GLN A 357 -1.19 -24.84 3.33
C GLN A 357 -1.37 -23.65 4.29
N TYR A 358 -0.58 -22.60 4.08
CA TYR A 358 -0.69 -21.39 4.87
C TYR A 358 -1.88 -20.54 4.45
N GLY A 359 -2.09 -20.40 3.14
CA GLY A 359 -3.22 -19.65 2.58
C GLY A 359 -4.55 -20.16 3.10
N GLN A 360 -4.79 -21.48 2.92
CA GLN A 360 -5.95 -22.26 3.36
C GLN A 360 -6.22 -22.05 4.83
N LYS A 361 -5.14 -22.02 5.64
CA LYS A 361 -5.21 -21.79 7.08
C LYS A 361 -5.56 -20.32 7.44
N ILE A 362 -5.31 -19.38 6.52
CA ILE A 362 -5.52 -17.94 6.76
C ILE A 362 -6.89 -17.41 6.36
N ILE A 363 -7.29 -17.68 5.11
CA ILE A 363 -8.40 -17.11 4.37
C ILE A 363 -9.74 -16.98 5.13
N LYS A 364 -10.33 -18.08 5.69
CA LYS A 364 -11.60 -18.01 6.43
C LYS A 364 -11.51 -17.00 7.59
N PRO A 365 -10.58 -17.14 8.60
CA PRO A 365 -10.46 -16.09 9.64
C PRO A 365 -10.08 -14.70 9.13
N TYR A 366 -9.29 -14.60 8.03
CA TYR A 366 -8.86 -13.33 7.40
C TYR A 366 -10.08 -12.56 6.86
N SER A 367 -10.92 -13.26 6.05
CA SER A 367 -12.15 -12.72 5.43
C SER A 367 -13.02 -12.01 6.46
N LYS A 368 -13.20 -12.65 7.64
CA LYS A 368 -14.00 -12.21 8.80
C LYS A 368 -13.52 -10.86 9.43
N HIS A 369 -12.20 -10.71 9.61
CA HIS A 369 -11.51 -9.58 10.26
C HIS A 369 -11.43 -8.27 9.48
N TYR A 370 -11.60 -8.33 8.16
CA TYR A 370 -11.54 -7.16 7.28
C TYR A 370 -12.94 -6.73 6.87
N PRO A 371 -13.10 -5.51 6.28
CA PRO A 371 -14.43 -5.11 5.78
C PRO A 371 -14.89 -5.97 4.60
N LEU A 372 -16.15 -5.79 4.21
CA LEU A 372 -16.81 -6.51 3.13
C LEU A 372 -15.95 -6.53 1.84
N TYR A 373 -15.52 -5.35 1.37
CA TYR A 373 -14.67 -5.27 0.20
C TYR A 373 -13.28 -4.85 0.69
N SER A 374 -12.34 -5.81 0.69
CA SER A 374 -11.00 -5.61 1.21
C SER A 374 -9.98 -6.09 0.22
N LEU A 375 -8.95 -5.26 -0.06
CA LEU A 375 -7.92 -5.60 -1.04
C LEU A 375 -7.02 -6.73 -0.58
N ASN A 376 -6.90 -6.86 0.75
CA ASN A 376 -6.10 -7.85 1.43
C ASN A 376 -6.66 -9.25 1.25
N VAL A 377 -8.01 -9.37 1.31
CA VAL A 377 -8.67 -10.68 1.18
C VAL A 377 -8.89 -11.00 -0.31
N ALA A 378 -9.04 -9.98 -1.17
CA ALA A 378 -9.19 -10.21 -2.61
C ALA A 378 -7.88 -10.83 -3.11
N SER A 379 -6.74 -10.20 -2.74
CA SER A 379 -5.37 -10.58 -3.02
C SER A 379 -5.04 -12.00 -2.48
N MET A 380 -5.52 -12.33 -1.26
CA MET A 380 -5.33 -13.61 -0.59
C MET A 380 -6.08 -14.74 -1.32
N TRP A 381 -7.34 -14.46 -1.75
CA TRP A 381 -8.16 -15.37 -2.54
C TRP A 381 -7.47 -15.62 -3.90
N LEU A 382 -6.85 -14.58 -4.46
CA LEU A 382 -6.13 -14.60 -5.72
C LEU A 382 -4.88 -15.49 -5.65
N LYS A 383 -4.02 -15.26 -4.61
CA LYS A 383 -2.81 -16.03 -4.29
C LYS A 383 -3.18 -17.52 -4.19
N LEU A 384 -4.19 -17.83 -3.37
CA LEU A 384 -4.75 -19.16 -3.15
C LEU A 384 -5.22 -19.82 -4.44
N GLY A 385 -5.98 -19.08 -5.25
CA GLY A 385 -6.51 -19.53 -6.54
C GLY A 385 -5.43 -19.88 -7.56
N ARG A 386 -4.43 -19.01 -7.67
CA ARG A 386 -3.26 -19.16 -8.55
C ARG A 386 -2.35 -20.31 -8.11
N LEU A 387 -2.33 -20.61 -6.79
CA LEU A 387 -1.60 -21.71 -6.16
C LEU A 387 -2.27 -23.05 -6.50
N TYR A 388 -3.61 -23.16 -6.23
CA TYR A 388 -4.48 -24.31 -6.53
C TYR A 388 -4.35 -24.63 -8.01
N MET A 389 -4.58 -23.62 -8.86
CA MET A 389 -4.45 -23.68 -10.31
C MET A 389 -3.05 -24.20 -10.74
N GLY A 390 -1.99 -23.72 -10.09
CA GLY A 390 -0.63 -24.16 -10.33
C GLY A 390 -0.43 -25.63 -9.98
N LEU A 391 -0.95 -26.03 -8.80
CA LEU A 391 -0.88 -27.41 -8.30
C LEU A 391 -1.93 -28.36 -8.93
N GLU A 392 -2.59 -27.87 -9.99
CA GLU A 392 -3.58 -28.55 -10.84
C GLU A 392 -4.87 -28.95 -10.09
N HIS A 393 -5.30 -28.11 -9.12
CA HIS A 393 -6.56 -28.26 -8.40
C HIS A 393 -7.52 -27.23 -9.09
N LYS A 394 -8.04 -27.59 -10.28
CA LYS A 394 -8.87 -26.72 -11.13
C LYS A 394 -10.23 -26.33 -10.53
N ALA A 395 -10.83 -27.21 -9.71
CA ALA A 395 -12.08 -26.88 -9.07
C ALA A 395 -11.91 -25.79 -7.98
N ALA A 396 -11.03 -26.01 -6.99
CA ALA A 396 -10.79 -25.09 -5.87
C ALA A 396 -10.19 -23.79 -6.31
N GLY A 397 -9.30 -23.86 -7.30
CA GLY A 397 -8.66 -22.72 -7.94
C GLY A 397 -9.68 -21.79 -8.56
N GLU A 398 -10.68 -22.37 -9.26
CA GLU A 398 -11.76 -21.59 -9.85
C GLU A 398 -12.66 -20.86 -8.81
N LYS A 399 -13.04 -21.56 -7.71
CA LYS A 399 -13.86 -21.03 -6.59
C LYS A 399 -13.14 -19.81 -5.99
N ALA A 400 -11.84 -19.97 -5.68
CA ALA A 400 -10.97 -18.97 -5.10
C ALA A 400 -10.79 -17.79 -6.04
N LEU A 401 -10.50 -18.04 -7.33
CA LEU A 401 -10.34 -16.95 -8.31
C LEU A 401 -11.66 -16.17 -8.53
N LYS A 402 -12.82 -16.87 -8.51
CA LYS A 402 -14.15 -16.25 -8.63
C LYS A 402 -14.50 -15.39 -7.41
N LYS A 403 -14.01 -15.79 -6.20
CA LYS A 403 -14.18 -15.07 -4.94
C LYS A 403 -13.43 -13.72 -5.00
N ALA A 404 -12.17 -13.74 -5.54
CA ALA A 404 -11.31 -12.57 -5.76
C ALA A 404 -11.95 -11.60 -6.72
N ILE A 405 -12.43 -12.09 -7.88
CA ILE A 405 -13.14 -11.36 -8.95
C ILE A 405 -14.34 -10.59 -8.39
N ALA A 406 -15.06 -11.20 -7.44
CA ALA A 406 -16.25 -10.63 -6.79
C ALA A 406 -15.94 -9.35 -6.01
N ILE A 407 -14.87 -9.34 -5.16
CA ILE A 407 -14.44 -8.15 -4.39
C ILE A 407 -13.86 -7.14 -5.37
N MET A 408 -13.01 -7.62 -6.32
CA MET A 408 -12.28 -6.87 -7.36
C MET A 408 -13.20 -6.10 -8.32
N GLU A 409 -14.38 -6.67 -8.67
CA GLU A 409 -15.35 -6.00 -9.56
C GLU A 409 -15.92 -4.76 -8.91
N VAL A 410 -15.82 -4.64 -7.58
CA VAL A 410 -16.29 -3.51 -6.81
C VAL A 410 -15.20 -2.44 -6.67
N ALA A 411 -14.02 -2.79 -6.11
CA ALA A 411 -12.92 -1.85 -5.88
C ALA A 411 -12.19 -1.38 -7.13
N HIS A 412 -11.95 -2.31 -8.07
CA HIS A 412 -11.23 -2.10 -9.32
C HIS A 412 -12.17 -1.76 -10.51
N GLY A 413 -13.39 -2.33 -10.48
CA GLY A 413 -14.38 -2.13 -11.53
C GLY A 413 -14.40 -3.33 -12.44
N LYS A 414 -15.60 -3.71 -12.94
CA LYS A 414 -15.85 -4.86 -13.83
C LYS A 414 -14.90 -4.97 -15.05
N ASP A 415 -14.48 -3.82 -15.60
CA ASP A 415 -13.64 -3.66 -16.80
C ASP A 415 -12.11 -3.52 -16.56
N HIS A 416 -11.65 -3.78 -15.31
CA HIS A 416 -10.24 -3.64 -14.96
C HIS A 416 -9.36 -4.66 -15.65
N PRO A 417 -8.18 -4.21 -16.19
CA PRO A 417 -7.24 -5.16 -16.82
C PRO A 417 -6.93 -6.39 -15.96
N TYR A 418 -6.82 -6.24 -14.61
CA TYR A 418 -6.60 -7.37 -13.68
C TYR A 418 -7.71 -8.39 -13.74
N ILE A 419 -9.00 -7.96 -13.77
CA ILE A 419 -10.13 -8.89 -13.86
C ILE A 419 -10.05 -9.74 -15.16
N SER A 420 -9.70 -9.09 -16.30
CA SER A 420 -9.60 -9.73 -17.63
C SER A 420 -8.50 -10.78 -17.63
N GLU A 421 -7.43 -10.53 -16.87
CA GLU A 421 -6.28 -11.41 -16.70
C GLU A 421 -6.71 -12.67 -15.92
N ILE A 422 -7.46 -12.48 -14.80
CA ILE A 422 -7.94 -13.57 -13.95
C ILE A 422 -8.95 -14.46 -14.66
N LYS A 423 -9.87 -13.83 -15.40
CA LYS A 423 -10.88 -14.57 -16.18
C LYS A 423 -10.22 -15.52 -17.17
N GLN A 424 -9.07 -15.08 -17.77
CA GLN A 424 -8.27 -15.87 -18.71
C GLN A 424 -7.57 -17.03 -18.02
N GLU A 425 -7.26 -16.87 -16.72
CA GLU A 425 -6.64 -17.93 -15.90
C GLU A 425 -7.62 -19.09 -15.67
N ILE A 426 -8.93 -18.78 -15.56
CA ILE A 426 -10.04 -19.72 -15.38
C ILE A 426 -10.35 -20.42 -16.72
N GLU A 427 -10.49 -19.62 -17.81
CA GLU A 427 -10.79 -20.06 -19.18
C GLU A 427 -9.81 -21.07 -19.80
N SER A 428 -8.47 -20.90 -19.57
CA SER A 428 -7.41 -21.77 -20.11
C SER A 428 -7.21 -23.06 -19.28
N HIS A 429 -6.88 -22.91 -17.98
CA HIS A 429 -6.68 -24.00 -17.03
C HIS A 429 -7.86 -24.13 -16.08
N SAM B . -7.09 16.63 6.14
CA SAM B . -5.94 16.73 5.21
C SAM B . -5.66 18.20 4.74
O SAM B . -6.42 19.10 5.20
OXT SAM B . -4.69 18.40 3.98
CB SAM B . -6.11 15.77 3.99
CG SAM B . -5.71 14.35 4.33
SD SAM B . -3.90 14.21 4.38
CE SAM B . -3.51 12.86 3.34
C5' SAM B . -3.69 13.30 6.00
C4' SAM B . -3.79 14.14 7.26
O4' SAM B . -5.17 14.53 7.47
C3' SAM B . -3.41 13.40 8.53
O3' SAM B . -2.00 13.35 8.74
C2' SAM B . -4.21 14.14 9.59
O2' SAM B . -3.65 15.37 10.00
C1' SAM B . -5.51 14.43 8.84
N9 SAM B . -6.54 13.40 9.00
C8 SAM B . -6.94 12.46 8.09
N7 SAM B . -7.89 11.67 8.51
C5 SAM B . -8.13 12.11 9.80
C6 SAM B . -9.03 11.67 10.80
N6 SAM B . -9.94 10.73 10.61
N1 SAM B . -8.98 12.30 12.01
C2 SAM B . -8.10 13.30 12.18
N3 SAM B . -7.22 13.80 11.30
C4 SAM B . -7.29 13.17 10.12
ZN ZN C . 4.44 2.06 -21.70
ZN ZN D . 18.32 5.67 -19.29
ZN ZN E . -10.86 4.32 13.25
#